data_4O5U
#
_entry.id   4O5U
#
_cell.length_a   106.698
_cell.length_b   59.598
_cell.length_c   123.715
_cell.angle_alpha   90.00
_cell.angle_beta   113.68
_cell.angle_gamma   90.00
#
_symmetry.space_group_name_H-M   'C 1 2 1'
#
loop_
_entity.id
_entity.type
_entity.pdbx_description
1 polymer 'Alkyl hydroperoxide reductase subunit F'
2 non-polymer 'SULFATE ION'
3 non-polymer 'FLAVIN-ADENINE DINUCLEOTIDE'
4 non-polymer 'CADMIUM ION'
5 water water
#
_entity_poly.entity_id   1
_entity_poly.type   'polypeptide(L)'
_entity_poly.pdbx_seq_one_letter_code
;MLDTNMKTQLKAYLEKLTKPVELIATLDDSAKSAEIKELLAEIAELSDKVTFKEDNSLPVRKPSFLITNPGSNQGPRFAG
SPLGHEFTSLVLALLWTGGHPSKEAQSLLEQIRHIDGDFEFETYYSLSCHNCPDVVQALNLMSVLNPRIKHTAIDGGTFQ
NEITDRNVMGVPAVFVNGKEFGQGRMTLTEIVAKIDTGAEKRAAEELNKRDAYDVLIVGSGPAGAAAAIYSARKGIRTGL
MGERFGGQILDTVDIENYISVPKTEGQKLAGALKVHVDEYDVDVIDSQSASKLIPAAVEGGLHQIETASGAVLKARSIIV
ATGAKWRNMNVPGEDQYRTKGVTYCPHCDGPLFKGKRVAVIGGGNSGVEAAIDLAGIVEHVTLLEFAPEMKADQVLQDKL
RSLKNVDIILNAQTTEVKGDGSKVVGLEYRDRVSGDIHNIELAGIFVQIGLLPNTNWLEGAVERNRMGEIIIDAKCETNV
KGVFAAGDCTTVPYKQIIIATGEGAKASLSAFDYLIRTKTA
;
_entity_poly.pdbx_strand_id   A
#
loop_
_chem_comp.id
_chem_comp.type
_chem_comp.name
_chem_comp.formula
CD non-polymer 'CADMIUM ION' 'Cd 2'
FAD non-polymer 'FLAVIN-ADENINE DINUCLEOTIDE' 'C27 H33 N9 O15 P2'
SO4 non-polymer 'SULFATE ION' 'O4 S -2'
#
# COMPACT_ATOMS: atom_id res chain seq x y z
N MET A 1 13.16 50.50 17.08
CA MET A 1 14.62 50.50 17.40
C MET A 1 15.41 49.75 16.33
N LEU A 2 15.02 50.00 15.09
CA LEU A 2 15.76 49.55 13.92
C LEU A 2 16.85 50.58 13.64
N ASP A 3 18.04 50.11 13.28
CA ASP A 3 19.10 51.00 12.82
C ASP A 3 19.02 51.12 11.29
N THR A 4 19.91 51.93 10.72
CA THR A 4 19.90 52.19 9.29
C THR A 4 20.05 50.91 8.46
N ASN A 5 20.86 49.98 8.95
CA ASN A 5 21.10 48.74 8.22
C ASN A 5 19.85 47.86 8.17
N MET A 6 19.13 47.78 9.29
CA MET A 6 17.90 47.01 9.35
C MET A 6 16.84 47.60 8.43
N LYS A 7 16.72 48.93 8.46
CA LYS A 7 15.73 49.64 7.66
C LYS A 7 15.95 49.43 6.16
N THR A 8 17.20 49.51 5.73
CA THR A 8 17.52 49.33 4.30
C THR A 8 17.27 47.89 3.86
N GLN A 9 17.63 46.94 4.71
CA GLN A 9 17.40 45.53 4.42
C GLN A 9 15.90 45.26 4.26
N LEU A 10 15.10 45.96 5.06
CA LEU A 10 13.65 45.80 5.02
C LEU A 10 13.04 46.43 3.78
N LYS A 11 13.62 47.53 3.30
CA LYS A 11 13.18 48.13 2.05
C LYS A 11 13.30 47.09 0.94
N ALA A 12 14.41 46.37 0.96
CA ALA A 12 14.72 45.40 -0.08
C ALA A 12 13.81 44.18 -0.03
N TYR A 13 13.66 43.59 1.16
CA TYR A 13 12.85 42.39 1.32
C TYR A 13 11.37 42.65 1.11
N LEU A 14 10.90 43.81 1.56
CA LEU A 14 9.48 44.16 1.43
C LEU A 14 9.09 44.52 0.00
N GLU A 15 10.08 44.58 -0.89
CA GLU A 15 9.80 44.80 -2.31
C GLU A 15 9.40 43.49 -2.97
N LYS A 16 9.76 42.38 -2.32
CA LYS A 16 9.38 41.05 -2.80
C LYS A 16 7.98 40.65 -2.35
N LEU A 17 7.30 41.56 -1.66
CA LEU A 17 5.92 41.33 -1.25
C LEU A 17 4.99 41.44 -2.47
N THR A 18 4.16 40.43 -2.66
CA THR A 18 3.22 40.40 -3.78
C THR A 18 1.79 40.59 -3.28
N LYS A 19 1.59 40.42 -1.98
CA LYS A 19 0.29 40.62 -1.34
C LYS A 19 0.39 41.64 -0.21
N PRO A 20 -0.70 42.39 0.04
CA PRO A 20 -0.69 43.36 1.14
C PRO A 20 -0.61 42.71 2.52
N VAL A 21 0.25 43.24 3.38
CA VAL A 21 0.39 42.77 4.76
C VAL A 21 -0.17 43.84 5.69
N GLU A 22 -0.78 43.40 6.78
CA GLU A 22 -1.28 44.31 7.81
C GLU A 22 -0.70 43.91 9.15
N LEU A 23 -0.37 44.92 9.96
CA LEU A 23 0.18 44.71 11.29
C LEU A 23 -0.80 45.28 12.32
N ILE A 24 -1.56 44.39 12.95
CA ILE A 24 -2.59 44.79 13.91
C ILE A 24 -2.04 44.67 15.32
N ALA A 25 -1.83 45.81 15.97
CA ALA A 25 -1.28 45.87 17.31
C ALA A 25 -2.38 45.96 18.35
N THR A 26 -2.13 45.39 19.53
CA THR A 26 -3.01 45.55 20.68
C THR A 26 -2.13 46.00 21.84
N LEU A 27 -2.37 47.22 22.33
CA LEU A 27 -1.40 47.90 23.18
C LEU A 27 -1.96 48.49 24.47
N ASP A 28 -1.08 48.66 25.45
CA ASP A 28 -1.34 49.46 26.64
C ASP A 28 -0.55 50.77 26.58
N ASP A 29 -0.37 51.42 27.74
CA ASP A 29 0.26 52.74 27.79
C ASP A 29 1.70 52.70 28.29
N SER A 30 2.29 51.51 28.30
CA SER A 30 3.65 51.32 28.80
C SER A 30 4.71 51.74 27.77
N ALA A 31 5.96 51.74 28.20
CA ALA A 31 7.07 52.10 27.32
C ALA A 31 7.28 50.99 26.29
N LYS A 32 7.07 49.76 26.70
CA LYS A 32 7.19 48.63 25.78
C LYS A 32 6.22 48.80 24.63
N SER A 33 5.00 49.25 24.93
CA SER A 33 3.98 49.41 23.90
C SER A 33 4.30 50.55 22.95
N ALA A 34 4.83 51.65 23.49
CA ALA A 34 5.27 52.76 22.67
C ALA A 34 6.40 52.32 21.73
N GLU A 35 7.24 51.40 22.21
CA GLU A 35 8.37 50.90 21.42
C GLU A 35 7.86 50.09 20.23
N ILE A 36 6.93 49.19 20.50
CA ILE A 36 6.30 48.40 19.45
C ILE A 36 5.53 49.28 18.46
N LYS A 37 4.84 50.30 18.97
CA LYS A 37 4.06 51.18 18.10
C LYS A 37 5.00 51.94 17.17
N GLU A 38 6.11 52.42 17.71
CA GLU A 38 7.12 53.10 16.93
C GLU A 38 7.70 52.16 15.86
N LEU A 39 8.00 50.93 16.26
CA LEU A 39 8.52 49.91 15.33
C LEU A 39 7.57 49.66 14.14
N LEU A 40 6.32 49.34 14.44
CA LEU A 40 5.33 49.05 13.40
C LEU A 40 5.09 50.21 12.44
N ALA A 41 5.13 51.43 12.96
CA ALA A 41 4.98 52.61 12.12
C ALA A 41 6.20 52.82 11.22
N GLU A 42 7.37 52.38 11.69
CA GLU A 42 8.59 52.50 10.90
C GLU A 42 8.59 51.45 9.80
N ILE A 43 8.04 50.27 10.08
CA ILE A 43 7.92 49.21 9.08
C ILE A 43 6.88 49.56 8.03
N ALA A 44 5.84 50.29 8.44
CA ALA A 44 4.79 50.70 7.53
C ALA A 44 5.27 51.79 6.57
N GLU A 45 6.26 52.55 7.01
CA GLU A 45 6.81 53.63 6.19
C GLU A 45 7.67 53.10 5.05
N LEU A 46 8.16 51.88 5.19
CA LEU A 46 9.10 51.31 4.22
C LEU A 46 8.41 50.55 3.08
N SER A 47 7.09 50.59 3.02
CA SER A 47 6.36 49.90 1.97
C SER A 47 4.90 50.28 1.92
N ASP A 48 4.41 50.50 0.71
CA ASP A 48 2.99 50.78 0.47
C ASP A 48 2.16 49.50 0.54
N LYS A 49 2.84 48.37 0.75
CA LYS A 49 2.16 47.09 0.91
C LYS A 49 1.82 46.84 2.39
N VAL A 50 2.66 47.33 3.28
CA VAL A 50 2.50 47.12 4.72
C VAL A 50 1.65 48.23 5.36
N THR A 51 0.72 47.82 6.22
CA THR A 51 -0.21 48.75 6.87
C THR A 51 -0.28 48.49 8.37
N PHE A 52 -0.23 49.56 9.16
CA PHE A 52 -0.26 49.47 10.62
C PHE A 52 -1.61 49.88 11.18
N LYS A 53 -2.32 48.92 11.75
CA LYS A 53 -3.62 49.16 12.39
C LYS A 53 -3.52 48.86 13.88
N GLU A 54 -4.49 49.36 14.63
CA GLU A 54 -4.48 49.21 16.08
C GLU A 54 -5.86 48.82 16.61
N ASP A 55 -5.88 47.86 17.54
CA ASP A 55 -7.11 47.39 18.16
C ASP A 55 -6.80 46.95 19.58
N ASN A 56 -6.97 47.88 20.52
CA ASN A 56 -6.58 47.66 21.91
C ASN A 56 -7.71 47.09 22.74
N SER A 57 -8.77 46.64 22.07
CA SER A 57 -9.89 46.01 22.73
C SER A 57 -9.67 44.50 22.83
N LEU A 58 -8.98 43.94 21.84
CA LEU A 58 -8.83 42.49 21.73
C LEU A 58 -8.18 41.87 22.97
N PRO A 59 -8.63 40.66 23.34
CA PRO A 59 -8.13 39.98 24.54
C PRO A 59 -6.86 39.18 24.26
N VAL A 60 -5.78 39.90 23.94
CA VAL A 60 -4.47 39.28 23.73
C VAL A 60 -3.46 39.96 24.64
N ARG A 61 -2.22 39.48 24.61
CA ARG A 61 -1.17 40.11 25.39
C ARG A 61 -0.96 41.55 24.95
N LYS A 62 -0.44 42.37 25.87
CA LYS A 62 -0.19 43.78 25.60
C LYS A 62 1.21 44.16 26.09
N PRO A 63 2.09 44.60 25.19
CA PRO A 63 1.92 44.75 23.73
C PRO A 63 2.05 43.45 22.96
N SER A 64 1.28 43.33 21.89
CA SER A 64 1.48 42.28 20.90
C SER A 64 0.93 42.78 19.57
N PHE A 65 1.22 42.05 18.50
CA PHE A 65 0.67 42.39 17.20
C PHE A 65 0.59 41.20 16.25
N LEU A 66 -0.44 41.20 15.42
CA LEU A 66 -0.67 40.14 14.45
C LEU A 66 -0.18 40.53 13.08
N ILE A 67 0.54 39.61 12.43
CA ILE A 67 0.97 39.76 11.05
C ILE A 67 0.02 38.98 10.16
N THR A 68 -0.85 39.68 9.44
CA THR A 68 -1.86 39.01 8.61
C THR A 68 -2.12 39.75 7.30
N ASN A 69 -3.19 39.37 6.61
CA ASN A 69 -3.62 40.03 5.39
C ASN A 69 -4.95 40.72 5.60
N PRO A 70 -5.26 41.75 4.80
CA PRO A 70 -6.54 42.46 4.88
C PRO A 70 -7.75 41.53 4.90
N GLY A 71 -8.68 41.79 5.82
CA GLY A 71 -9.89 40.98 5.94
C GLY A 71 -9.64 39.57 6.43
N SER A 72 -8.55 39.39 7.16
CA SER A 72 -8.20 38.08 7.72
C SER A 72 -7.69 38.21 9.15
N ASN A 73 -7.69 37.08 9.85
CA ASN A 73 -7.18 37.01 11.23
C ASN A 73 -6.19 35.86 11.38
N GLN A 74 -5.82 35.25 10.25
CA GLN A 74 -4.84 34.17 10.26
C GLN A 74 -3.45 34.77 10.20
N GLY A 75 -2.54 34.23 11.01
CA GLY A 75 -1.16 34.68 11.03
C GLY A 75 -0.49 34.59 12.39
N PRO A 76 0.84 34.82 12.41
CA PRO A 76 1.60 34.78 13.67
C PRO A 76 1.52 36.07 14.48
N ARG A 77 1.55 35.92 15.80
CA ARG A 77 1.45 37.02 16.73
C ARG A 77 2.76 37.13 17.52
N PHE A 78 3.39 38.30 17.45
CA PHE A 78 4.55 38.59 18.28
C PHE A 78 4.10 39.32 19.53
N ALA A 79 4.59 38.87 20.68
CA ALA A 79 4.29 39.51 21.96
C ALA A 79 5.59 39.99 22.57
N GLY A 80 5.79 41.30 22.53
CA GLY A 80 7.05 41.89 22.95
C GLY A 80 7.92 42.23 21.74
N SER A 81 9.21 42.40 21.97
CA SER A 81 10.11 42.85 20.93
C SER A 81 10.47 41.71 19.96
N PRO A 82 10.21 41.92 18.65
CA PRO A 82 10.63 40.95 17.64
C PRO A 82 11.99 41.31 17.06
N LEU A 83 12.76 42.10 17.80
CA LEU A 83 14.08 42.54 17.36
C LEU A 83 15.16 41.71 18.04
N GLY A 84 16.41 42.03 17.78
CA GLY A 84 17.52 41.21 18.23
C GLY A 84 17.75 40.11 17.23
N HIS A 85 17.88 38.88 17.72
CA HIS A 85 18.09 37.73 16.85
C HIS A 85 16.79 37.27 16.20
N GLU A 86 15.68 37.85 16.62
CA GLU A 86 14.37 37.50 16.06
C GLU A 86 14.00 38.42 14.91
N PHE A 87 14.95 39.25 14.48
CA PHE A 87 14.66 40.22 13.43
C PHE A 87 14.42 39.51 12.08
N THR A 88 15.19 38.45 11.82
CA THR A 88 14.99 37.67 10.60
C THR A 88 13.67 36.90 10.68
N SER A 89 13.30 36.45 11.87
CA SER A 89 12.01 35.81 12.09
C SER A 89 10.90 36.77 11.70
N LEU A 90 11.03 38.03 12.12
CA LEU A 90 10.05 39.04 11.78
C LEU A 90 9.98 39.25 10.27
N VAL A 91 11.15 39.44 9.66
CA VAL A 91 11.23 39.65 8.21
C VAL A 91 10.63 38.48 7.46
N LEU A 92 11.02 37.27 7.84
CA LEU A 92 10.50 36.05 7.20
C LEU A 92 8.98 35.96 7.34
N ALA A 93 8.46 36.34 8.51
CA ALA A 93 7.03 36.27 8.75
C ALA A 93 6.26 37.23 7.83
N LEU A 94 6.87 38.38 7.55
CA LEU A 94 6.27 39.36 6.66
C LEU A 94 6.28 38.84 5.23
N LEU A 95 7.42 38.32 4.79
CA LEU A 95 7.55 37.81 3.45
C LEU A 95 6.51 36.73 3.16
N TRP A 96 6.43 35.74 4.06
CA TRP A 96 5.50 34.63 3.92
C TRP A 96 4.06 35.12 3.81
N THR A 97 3.66 35.98 4.74
CA THR A 97 2.33 36.58 4.71
C THR A 97 2.16 37.39 3.43
N GLY A 98 3.28 37.95 2.96
CA GLY A 98 3.32 38.79 1.78
C GLY A 98 3.32 38.02 0.47
N GLY A 99 3.38 36.69 0.56
CA GLY A 99 3.27 35.84 -0.61
C GLY A 99 4.59 35.33 -1.14
N HIS A 100 5.68 35.60 -0.43
CA HIS A 100 6.99 35.09 -0.81
C HIS A 100 7.09 33.63 -0.40
N PRO A 101 7.68 32.79 -1.25
CA PRO A 101 7.67 31.35 -0.93
C PRO A 101 8.62 30.92 0.19
N SER A 102 8.27 29.81 0.81
CA SER A 102 9.12 29.18 1.81
C SER A 102 10.29 28.47 1.14
N LYS A 103 11.40 28.32 1.88
CA LYS A 103 12.55 27.57 1.39
C LYS A 103 12.46 26.10 1.80
N GLU A 104 11.36 25.73 2.43
CA GLU A 104 11.18 24.35 2.90
C GLU A 104 10.82 23.41 1.75
N ALA A 105 11.01 22.12 1.99
CA ALA A 105 10.69 21.08 1.01
C ALA A 105 9.20 21.12 0.70
N GLN A 106 8.88 21.03 -0.58
CA GLN A 106 7.50 21.22 -1.04
C GLN A 106 6.54 20.18 -0.48
N SER A 107 7.03 18.95 -0.30
CA SER A 107 6.21 17.90 0.28
C SER A 107 5.84 18.25 1.72
N LEU A 108 6.84 18.64 2.50
CA LEU A 108 6.64 19.01 3.90
C LEU A 108 5.62 20.14 4.08
N LEU A 109 5.58 21.07 3.12
CA LEU A 109 4.64 22.20 3.17
C LEU A 109 3.20 21.75 3.04
N GLU A 110 2.94 20.83 2.12
CA GLU A 110 1.58 20.35 1.88
C GLU A 110 1.07 19.57 3.08
N GLN A 111 2.00 18.96 3.80
CA GLN A 111 1.67 18.19 5.00
C GLN A 111 1.15 19.11 6.11
N ILE A 112 1.63 20.34 6.13
CA ILE A 112 1.16 21.34 7.10
C ILE A 112 -0.28 21.73 6.76
N ARG A 113 -0.53 22.04 5.49
CA ARG A 113 -1.84 22.48 5.03
C ARG A 113 -2.89 21.42 5.34
N HIS A 114 -2.60 20.19 4.95
CA HIS A 114 -3.52 19.08 5.15
C HIS A 114 -3.27 18.43 6.50
N ILE A 115 -3.62 19.15 7.56
CA ILE A 115 -3.42 18.68 8.93
C ILE A 115 -4.75 18.66 9.68
N ASP A 116 -4.88 17.72 10.61
CA ASP A 116 -6.18 17.39 11.18
C ASP A 116 -6.78 18.44 12.13
N GLY A 117 -6.20 18.58 13.32
CA GLY A 117 -6.85 19.28 14.41
C GLY A 117 -6.36 20.68 14.71
N ASP A 118 -6.90 21.26 15.79
CA ASP A 118 -6.54 22.60 16.23
C ASP A 118 -5.40 22.56 17.23
N PHE A 119 -4.39 23.39 17.00
CA PHE A 119 -3.25 23.51 17.90
C PHE A 119 -2.89 24.98 18.11
N GLU A 120 -2.89 25.41 19.37
CA GLU A 120 -2.53 26.77 19.72
C GLU A 120 -1.13 26.81 20.33
N PHE A 121 -0.17 27.28 19.53
CA PHE A 121 1.22 27.33 19.95
C PHE A 121 1.59 28.65 20.60
N GLU A 122 2.63 28.61 21.42
CA GLU A 122 3.23 29.82 21.97
C GLU A 122 4.64 29.52 22.44
N THR A 123 5.60 30.30 21.93
CA THR A 123 7.02 30.08 22.22
C THR A 123 7.59 31.22 23.05
N TYR A 124 8.38 30.87 24.06
CA TYR A 124 9.07 31.85 24.90
C TYR A 124 10.53 31.97 24.47
N TYR A 125 10.94 33.18 24.12
CA TYR A 125 12.30 33.43 23.66
C TYR A 125 12.89 34.66 24.33
N SER A 126 14.16 34.94 24.02
CA SER A 126 14.82 36.18 24.40
C SER A 126 15.52 36.71 23.17
N LEU A 127 15.92 37.98 23.19
CA LEU A 127 16.54 38.59 22.02
C LEU A 127 17.98 38.15 21.89
N SER A 128 18.58 37.75 23.01
CA SER A 128 19.97 37.30 23.04
C SER A 128 20.08 35.87 22.52
N CYS A 129 19.01 35.11 22.67
CA CYS A 129 18.98 33.69 22.31
C CYS A 129 19.34 33.45 20.84
N HIS A 130 20.26 32.52 20.63
CA HIS A 130 20.79 32.23 19.31
C HIS A 130 19.91 31.21 18.58
N ASN A 131 19.36 30.27 19.35
CA ASN A 131 18.65 29.13 18.79
C ASN A 131 17.16 29.37 18.55
N CYS A 132 16.57 30.25 19.34
CA CYS A 132 15.14 30.51 19.30
C CYS A 132 14.54 30.77 17.90
N PRO A 133 15.23 31.57 17.06
CA PRO A 133 14.70 31.92 15.74
C PRO A 133 14.16 30.77 14.89
N ASP A 134 14.96 29.71 14.68
CA ASP A 134 14.54 28.58 13.87
C ASP A 134 13.22 27.98 14.35
N VAL A 135 13.06 27.89 15.66
CA VAL A 135 11.83 27.40 16.26
C VAL A 135 10.67 28.36 15.95
N VAL A 136 10.86 29.63 16.29
CA VAL A 136 9.84 30.66 16.06
C VAL A 136 9.46 30.71 14.58
N GLN A 137 10.45 30.72 13.71
CA GLN A 137 10.21 30.81 12.27
C GLN A 137 9.40 29.61 11.80
N ALA A 138 9.79 28.43 12.28
CA ALA A 138 9.11 27.20 11.91
C ALA A 138 7.64 27.27 12.26
N LEU A 139 7.35 27.57 13.51
CA LEU A 139 5.97 27.68 13.98
C LEU A 139 5.21 28.82 13.28
N ASN A 140 5.87 29.94 13.05
CA ASN A 140 5.26 31.03 12.28
C ASN A 140 4.80 30.53 10.91
N LEU A 141 5.66 29.78 10.25
CA LEU A 141 5.35 29.27 8.92
C LEU A 141 4.11 28.38 8.94
N MET A 142 3.89 27.68 10.05
CA MET A 142 2.72 26.81 10.18
C MET A 142 1.41 27.60 10.28
N SER A 143 1.43 28.69 11.05
CA SER A 143 0.25 29.51 11.21
C SER A 143 -0.14 30.18 9.90
N VAL A 144 0.85 30.47 9.07
CA VAL A 144 0.61 31.06 7.75
C VAL A 144 0.05 30.03 6.76
N LEU A 145 0.48 28.78 6.90
CA LEU A 145 0.10 27.73 5.97
C LEU A 145 -1.33 27.19 6.17
N ASN A 146 -1.81 27.17 7.41
CA ASN A 146 -3.23 26.86 7.66
C ASN A 146 -3.74 27.46 8.97
N PRO A 147 -4.97 27.99 8.96
CA PRO A 147 -5.48 28.81 10.07
C PRO A 147 -5.80 28.00 11.32
N ARG A 148 -5.80 26.68 11.20
CA ARG A 148 -6.11 25.83 12.34
C ARG A 148 -4.93 25.83 13.31
N ILE A 149 -3.75 26.10 12.77
CA ILE A 149 -2.55 26.28 13.58
C ILE A 149 -2.38 27.75 13.95
N LYS A 150 -2.22 28.02 15.24
CA LYS A 150 -2.03 29.39 15.74
C LYS A 150 -0.72 29.45 16.51
N HIS A 151 -0.02 30.59 16.42
CA HIS A 151 1.26 30.73 17.12
C HIS A 151 1.50 32.14 17.64
N THR A 152 1.95 32.22 18.90
CA THR A 152 2.22 33.48 19.57
C THR A 152 3.62 33.46 20.18
N ALA A 153 4.53 34.26 19.64
CA ALA A 153 5.92 34.27 20.08
C ALA A 153 6.16 35.29 21.19
N ILE A 154 6.44 34.80 22.40
CA ILE A 154 6.57 35.62 23.59
C ILE A 154 8.00 36.03 23.89
N ASP A 155 8.22 37.33 24.02
CA ASP A 155 9.49 37.86 24.49
C ASP A 155 9.52 37.75 26.01
N GLY A 156 10.53 37.07 26.53
CA GLY A 156 10.67 36.86 27.96
C GLY A 156 11.04 38.13 28.70
N GLY A 157 11.74 39.03 28.01
CA GLY A 157 12.15 40.30 28.60
C GLY A 157 10.98 41.20 28.89
N THR A 158 9.98 41.18 28.00
CA THR A 158 8.78 41.99 28.18
C THR A 158 7.86 41.32 29.20
N PHE A 159 7.62 40.03 29.02
CA PHE A 159 6.72 39.27 29.88
C PHE A 159 7.50 38.42 30.88
N GLN A 160 8.20 39.09 31.78
CA GLN A 160 8.95 38.43 32.85
C GLN A 160 7.99 37.69 33.76
N ASN A 161 6.77 38.22 33.86
CA ASN A 161 5.73 37.62 34.70
C ASN A 161 5.41 36.18 34.31
N GLU A 162 5.45 35.88 33.02
CA GLU A 162 5.04 34.57 32.53
C GLU A 162 6.18 33.56 32.63
N ILE A 163 7.37 33.94 32.18
CA ILE A 163 8.51 33.04 32.24
C ILE A 163 8.87 32.71 33.70
N THR A 164 8.46 33.59 34.62
CA THR A 164 8.73 33.36 36.04
C THR A 164 7.58 32.63 36.71
N ASP A 165 6.37 32.86 36.21
CA ASP A 165 5.19 32.13 36.68
C ASP A 165 5.16 30.76 36.03
N ARG A 166 4.79 30.72 34.74
CA ARG A 166 4.99 29.52 33.95
C ARG A 166 6.47 29.21 34.01
N ASN A 167 6.80 28.13 34.70
CA ASN A 167 8.17 27.92 35.15
C ASN A 167 9.12 27.44 34.05
N VAL A 168 9.51 28.37 33.18
CA VAL A 168 10.51 28.07 32.15
C VAL A 168 11.89 28.53 32.63
N MET A 169 12.86 27.63 32.50
CA MET A 169 14.23 27.93 32.94
C MET A 169 15.11 28.25 31.74
N GLY A 170 14.72 27.76 30.57
CA GLY A 170 15.49 27.96 29.35
C GLY A 170 14.62 28.25 28.14
N VAL A 171 15.22 28.92 27.15
CA VAL A 171 14.55 29.22 25.90
C VAL A 171 15.36 28.64 24.75
N PRO A 172 14.70 28.27 23.63
CA PRO A 172 13.26 28.38 23.41
C PRO A 172 12.46 27.32 24.17
N ALA A 173 11.23 27.67 24.52
CA ALA A 173 10.32 26.73 25.19
C ALA A 173 8.94 26.88 24.56
N VAL A 174 8.39 25.76 24.09
CA VAL A 174 7.14 25.75 23.34
C VAL A 174 6.01 25.10 24.14
N PHE A 175 4.79 25.59 23.93
CA PHE A 175 3.59 25.05 24.56
C PHE A 175 2.52 24.81 23.50
N VAL A 176 1.61 23.87 23.78
CA VAL A 176 0.47 23.62 22.90
C VAL A 176 -0.80 23.41 23.72
N ASN A 177 -1.87 24.07 23.28
CA ASN A 177 -3.18 23.95 23.91
C ASN A 177 -3.11 23.91 25.44
N GLY A 178 -2.22 24.74 25.99
CA GLY A 178 -2.02 24.81 27.42
C GLY A 178 -0.84 23.97 27.88
N LYS A 179 -0.81 22.72 27.42
CA LYS A 179 0.21 21.77 27.84
C LYS A 179 1.61 22.13 27.35
N GLU A 180 2.61 21.70 28.09
CA GLU A 180 4.00 21.86 27.69
C GLU A 180 4.31 20.96 26.50
N PHE A 181 5.10 21.47 25.56
CA PHE A 181 5.34 20.76 24.30
C PHE A 181 6.78 20.29 24.15
N GLY A 182 7.73 21.16 24.45
CA GLY A 182 9.13 20.82 24.37
C GLY A 182 10.03 22.05 24.33
N GLN A 183 11.33 21.81 24.44
CA GLN A 183 12.33 22.87 24.46
C GLN A 183 13.47 22.57 23.52
N GLY A 184 14.27 23.59 23.22
CA GLY A 184 15.51 23.40 22.48
C GLY A 184 15.39 23.55 20.98
N ARG A 185 16.49 23.20 20.29
CA ARG A 185 16.61 23.40 18.87
C ARG A 185 15.74 22.42 18.07
N MET A 186 14.43 22.62 18.10
CA MET A 186 13.50 21.83 17.30
C MET A 186 13.60 22.23 15.84
N THR A 187 13.54 21.22 14.95
CA THR A 187 13.46 21.48 13.53
C THR A 187 11.98 21.63 13.18
N LEU A 188 11.68 22.08 11.97
CA LEU A 188 10.29 22.09 11.51
C LEU A 188 9.79 20.65 11.43
N THR A 189 10.54 19.82 10.73
CA THR A 189 10.14 18.45 10.44
C THR A 189 9.80 17.63 11.68
N GLU A 190 10.55 17.80 12.76
CA GLU A 190 10.34 16.99 13.95
C GLU A 190 9.14 17.50 14.78
N ILE A 191 8.75 18.75 14.56
CA ILE A 191 7.55 19.30 15.19
C ILE A 191 6.32 18.78 14.47
N VAL A 192 6.40 18.69 13.15
CA VAL A 192 5.31 18.16 12.34
C VAL A 192 5.18 16.66 12.58
N ALA A 193 6.29 16.03 13.00
CA ALA A 193 6.27 14.60 13.30
C ALA A 193 5.45 14.32 14.56
N LYS A 194 5.66 15.13 15.59
CA LYS A 194 4.97 14.92 16.87
C LYS A 194 3.51 15.33 16.81
N ILE A 195 3.17 16.20 15.87
CA ILE A 195 1.83 16.78 15.80
C ILE A 195 0.86 15.86 15.04
N ASP A 196 1.39 15.11 14.07
CA ASP A 196 0.57 14.21 13.26
C ASP A 196 0.40 12.84 13.89
N THR A 197 -0.84 12.51 14.22
CA THR A 197 -1.19 11.21 14.77
C THR A 197 -2.10 10.45 13.80
N GLY A 198 -1.50 9.92 12.74
CA GLY A 198 -2.22 9.20 11.71
C GLY A 198 -1.64 7.82 11.50
N ALA A 199 -2.49 6.86 11.20
CA ALA A 199 -2.09 5.46 11.11
C ALA A 199 -2.57 4.78 9.82
N GLU A 200 -3.83 4.36 9.80
CA GLU A 200 -4.34 3.49 8.74
C GLU A 200 -4.78 4.24 7.48
N LYS A 201 -5.03 3.48 6.42
CA LYS A 201 -5.48 4.02 5.14
C LYS A 201 -4.42 4.91 4.49
N ARG A 202 -3.17 4.75 4.92
CA ARG A 202 -2.05 5.51 4.38
C ARG A 202 -1.35 4.73 3.27
N ALA A 203 -1.43 3.40 3.34
CA ALA A 203 -0.73 2.54 2.39
C ALA A 203 -1.12 2.85 0.95
N ALA A 204 -2.42 3.07 0.74
CA ALA A 204 -2.92 3.40 -0.58
C ALA A 204 -2.31 4.71 -1.06
N GLU A 205 -2.18 5.67 -0.15
CA GLU A 205 -1.65 6.97 -0.53
C GLU A 205 -0.13 6.88 -0.78
N GLU A 206 0.53 5.92 -0.15
CA GLU A 206 1.95 5.68 -0.38
C GLU A 206 2.19 5.14 -1.79
N LEU A 207 1.19 4.44 -2.32
CA LEU A 207 1.30 3.77 -3.61
C LEU A 207 1.09 4.69 -4.81
N ASN A 208 0.38 5.80 -4.63
CA ASN A 208 0.19 6.74 -5.72
C ASN A 208 1.40 7.64 -5.90
N LYS A 209 2.12 7.85 -4.81
CA LYS A 209 3.34 8.66 -4.85
C LYS A 209 4.47 7.85 -5.50
N ARG A 210 4.23 6.55 -5.64
CA ARG A 210 5.19 5.64 -6.22
C ARG A 210 5.43 5.98 -7.69
N ASP A 211 6.69 5.86 -8.11
CA ASP A 211 7.07 6.14 -9.50
C ASP A 211 6.70 4.98 -10.42
N ALA A 212 6.56 5.27 -11.71
CA ALA A 212 6.21 4.25 -12.69
C ALA A 212 7.27 3.14 -12.76
N TYR A 213 6.81 1.93 -13.03
CA TYR A 213 7.68 0.77 -13.07
C TYR A 213 8.00 0.39 -14.50
N ASP A 214 9.14 -0.25 -14.71
CA ASP A 214 9.45 -0.84 -16.00
C ASP A 214 8.53 -2.03 -16.18
N VAL A 215 8.53 -2.89 -15.17
CA VAL A 215 7.60 -4.02 -15.15
C VAL A 215 6.91 -4.09 -13.79
N LEU A 216 5.61 -4.35 -13.82
CA LEU A 216 4.82 -4.53 -12.60
C LEU A 216 4.15 -5.88 -12.66
N ILE A 217 4.51 -6.72 -11.69
CA ILE A 217 3.99 -8.07 -11.62
C ILE A 217 2.83 -8.12 -10.65
N VAL A 218 1.69 -8.63 -11.12
CA VAL A 218 0.46 -8.69 -10.33
C VAL A 218 0.19 -10.11 -9.88
N GLY A 219 0.41 -10.36 -8.60
CA GLY A 219 0.38 -11.69 -8.05
C GLY A 219 1.77 -12.06 -7.61
N SER A 220 1.86 -12.71 -6.46
CA SER A 220 3.16 -12.97 -5.84
C SER A 220 3.26 -14.41 -5.34
N GLY A 221 2.75 -15.33 -6.15
CA GLY A 221 3.01 -16.75 -5.95
C GLY A 221 4.31 -17.12 -6.66
N PRO A 222 4.52 -18.41 -6.93
CA PRO A 222 5.72 -18.90 -7.62
C PRO A 222 5.97 -18.22 -8.97
N ALA A 223 4.92 -17.96 -9.74
CA ALA A 223 5.07 -17.38 -11.06
C ALA A 223 5.54 -15.94 -10.99
N GLY A 224 4.82 -15.12 -10.23
CA GLY A 224 5.19 -13.73 -10.03
C GLY A 224 6.56 -13.58 -9.42
N ALA A 225 6.88 -14.43 -8.45
CA ALA A 225 8.18 -14.38 -7.79
C ALA A 225 9.33 -14.66 -8.77
N ALA A 226 9.12 -15.63 -9.66
CA ALA A 226 10.13 -15.97 -10.66
C ALA A 226 10.30 -14.83 -11.66
N ALA A 227 9.17 -14.27 -12.06
CA ALA A 227 9.17 -13.12 -12.97
C ALA A 227 9.90 -11.95 -12.34
N ALA A 228 9.70 -11.75 -11.04
CA ALA A 228 10.32 -10.63 -10.33
C ALA A 228 11.84 -10.80 -10.26
N ILE A 229 12.27 -12.04 -10.03
CA ILE A 229 13.69 -12.35 -9.94
C ILE A 229 14.36 -12.13 -11.29
N TYR A 230 13.77 -12.67 -12.35
CA TYR A 230 14.35 -12.54 -13.69
C TYR A 230 14.36 -11.08 -14.12
N SER A 231 13.32 -10.34 -13.76
CA SER A 231 13.25 -8.93 -14.11
C SER A 231 14.30 -8.10 -13.39
N ALA A 232 14.39 -8.26 -12.07
CA ALA A 232 15.27 -7.42 -11.27
C ALA A 232 16.75 -7.69 -11.58
N ARG A 233 17.03 -8.81 -12.23
CA ARG A 233 18.39 -9.14 -12.62
C ARG A 233 18.82 -8.41 -13.88
N LYS A 234 17.85 -7.93 -14.65
CA LYS A 234 18.13 -7.10 -15.82
C LYS A 234 18.38 -5.67 -15.38
N GLY A 235 18.17 -5.40 -14.10
CA GLY A 235 18.43 -4.09 -13.52
C GLY A 235 17.32 -3.08 -13.74
N ILE A 236 16.18 -3.53 -14.25
CA ILE A 236 15.07 -2.63 -14.50
C ILE A 236 14.25 -2.40 -13.24
N ARG A 237 13.46 -1.33 -13.24
CA ARG A 237 12.61 -0.99 -12.10
C ARG A 237 11.44 -1.98 -12.01
N THR A 238 11.53 -2.88 -11.02
CA THR A 238 10.63 -4.02 -10.90
C THR A 238 9.78 -3.98 -9.64
N GLY A 239 8.46 -4.00 -9.83
CA GLY A 239 7.52 -4.02 -8.73
C GLY A 239 6.73 -5.33 -8.71
N LEU A 240 6.61 -5.91 -7.52
CA LEU A 240 5.90 -7.18 -7.34
C LEU A 240 4.79 -6.98 -6.33
N MET A 241 3.56 -6.85 -6.84
CA MET A 241 2.40 -6.65 -5.99
C MET A 241 1.60 -7.94 -5.89
N GLY A 242 1.17 -8.28 -4.69
CA GLY A 242 0.32 -9.43 -4.48
C GLY A 242 -0.55 -9.29 -3.26
N GLU A 243 -1.49 -10.21 -3.12
CA GLU A 243 -2.35 -10.26 -1.95
C GLU A 243 -1.64 -10.89 -0.78
N ARG A 244 -0.83 -11.91 -1.07
CA ARG A 244 -0.22 -12.72 -0.04
C ARG A 244 0.95 -13.48 -0.62
N PHE A 245 2.16 -12.95 -0.45
CA PHE A 245 3.36 -13.58 -0.96
C PHE A 245 3.43 -15.07 -0.62
N GLY A 246 3.70 -15.88 -1.65
CA GLY A 246 3.76 -17.32 -1.52
C GLY A 246 2.72 -18.03 -2.36
N GLY A 247 1.58 -17.38 -2.59
CA GLY A 247 0.51 -17.98 -3.37
C GLY A 247 0.02 -19.28 -2.77
N GLN A 248 -0.39 -20.23 -3.61
CA GLN A 248 -1.00 -21.46 -3.14
C GLN A 248 -0.07 -22.34 -2.31
N ILE A 249 1.24 -22.15 -2.39
CA ILE A 249 2.15 -23.05 -1.69
C ILE A 249 2.18 -22.77 -0.20
N LEU A 250 1.65 -21.63 0.22
CA LEU A 250 1.60 -21.32 1.65
C LEU A 250 0.67 -22.26 2.42
N ASP A 251 -0.46 -22.62 1.83
CA ASP A 251 -1.43 -23.50 2.50
C ASP A 251 -1.26 -24.97 2.13
N THR A 252 -0.04 -25.35 1.73
CA THR A 252 0.29 -26.75 1.56
C THR A 252 1.48 -27.13 2.43
N VAL A 253 1.65 -28.44 2.62
CA VAL A 253 2.73 -28.94 3.46
C VAL A 253 3.77 -29.64 2.58
N ASP A 254 3.67 -30.95 2.40
CA ASP A 254 4.71 -31.70 1.68
C ASP A 254 4.68 -31.53 0.16
N ILE A 255 5.80 -31.04 -0.38
CA ILE A 255 6.00 -30.88 -1.82
C ILE A 255 7.18 -31.73 -2.26
N GLU A 256 6.96 -32.64 -3.20
CA GLU A 256 7.98 -33.63 -3.57
C GLU A 256 8.32 -33.63 -5.05
N ASN A 257 7.82 -32.63 -5.78
CA ASN A 257 8.03 -32.57 -7.23
C ASN A 257 8.50 -31.19 -7.71
N TYR A 258 9.08 -30.42 -6.80
CA TYR A 258 9.85 -29.27 -7.24
C TYR A 258 11.22 -29.81 -7.63
N ILE A 259 11.52 -29.78 -8.92
CA ILE A 259 12.66 -30.51 -9.44
C ILE A 259 13.98 -30.06 -8.79
N SER A 260 14.83 -31.05 -8.50
CA SER A 260 16.11 -30.88 -7.78
C SER A 260 15.95 -30.84 -6.25
N VAL A 261 14.73 -30.98 -5.76
CA VAL A 261 14.45 -30.92 -4.34
C VAL A 261 13.51 -32.05 -3.99
N PRO A 262 14.05 -33.16 -3.45
CA PRO A 262 13.24 -34.35 -3.20
C PRO A 262 12.03 -34.12 -2.29
N LYS A 263 12.18 -33.28 -1.27
CA LYS A 263 11.10 -33.00 -0.34
C LYS A 263 11.27 -31.66 0.35
N THR A 264 10.30 -30.77 0.17
CA THR A 264 10.27 -29.53 0.95
C THR A 264 8.88 -29.27 1.48
N GLU A 265 8.73 -28.16 2.20
CA GLU A 265 7.46 -27.77 2.77
C GLU A 265 7.02 -26.50 2.08
N GLY A 266 5.70 -26.30 2.01
CA GLY A 266 5.14 -25.11 1.41
C GLY A 266 5.61 -23.82 2.06
N GLN A 267 5.59 -23.78 3.38
CA GLN A 267 5.95 -22.56 4.10
C GLN A 267 7.43 -22.25 3.88
N LYS A 268 8.25 -23.30 3.91
CA LYS A 268 9.69 -23.19 3.72
C LYS A 268 10.00 -22.69 2.31
N LEU A 269 9.27 -23.23 1.33
CA LEU A 269 9.49 -22.87 -0.05
C LEU A 269 9.07 -21.42 -0.31
N ALA A 270 7.97 -21.01 0.32
CA ALA A 270 7.51 -19.63 0.19
C ALA A 270 8.57 -18.69 0.75
N GLY A 271 9.17 -19.10 1.86
CA GLY A 271 10.24 -18.33 2.49
C GLY A 271 11.48 -18.26 1.62
N ALA A 272 11.87 -19.38 1.03
CA ALA A 272 12.99 -19.40 0.11
C ALA A 272 12.75 -18.46 -1.06
N LEU A 273 11.53 -18.47 -1.60
CA LEU A 273 11.18 -17.58 -2.70
C LEU A 273 11.38 -16.13 -2.31
N LYS A 274 10.95 -15.77 -1.11
CA LYS A 274 11.09 -14.41 -0.64
C LYS A 274 12.56 -14.00 -0.55
N VAL A 275 13.38 -14.88 0.00
CA VAL A 275 14.81 -14.62 0.14
C VAL A 275 15.42 -14.35 -1.22
N HIS A 276 15.06 -15.18 -2.19
CA HIS A 276 15.60 -15.07 -3.53
C HIS A 276 15.16 -13.77 -4.21
N VAL A 277 13.89 -13.40 -4.02
CA VAL A 277 13.40 -12.12 -4.53
C VAL A 277 14.15 -10.97 -3.88
N ASP A 278 14.38 -11.07 -2.58
CA ASP A 278 15.00 -9.96 -1.85
C ASP A 278 16.47 -9.79 -2.19
N GLU A 279 17.08 -10.78 -2.85
CA GLU A 279 18.47 -10.68 -3.27
C GLU A 279 18.65 -9.57 -4.30
N TYR A 280 17.56 -9.21 -4.98
CA TYR A 280 17.60 -8.20 -6.02
C TYR A 280 16.75 -6.99 -5.66
N ASP A 281 16.84 -5.92 -6.46
CA ASP A 281 16.11 -4.70 -6.17
C ASP A 281 14.68 -4.81 -6.67
N VAL A 282 13.82 -5.38 -5.81
CA VAL A 282 12.42 -5.60 -6.13
C VAL A 282 11.54 -4.93 -5.08
N ASP A 283 10.73 -3.99 -5.54
CA ASP A 283 9.73 -3.35 -4.70
C ASP A 283 8.59 -4.35 -4.48
N VAL A 284 8.61 -5.01 -3.33
CA VAL A 284 7.58 -5.98 -2.98
C VAL A 284 6.42 -5.33 -2.23
N ILE A 285 5.23 -5.44 -2.80
CA ILE A 285 4.02 -4.86 -2.22
C ILE A 285 3.09 -6.00 -1.82
N ASP A 286 2.82 -6.11 -0.52
CA ASP A 286 1.98 -7.18 0.01
C ASP A 286 0.62 -6.65 0.46
N SER A 287 -0.34 -7.57 0.58
CA SER A 287 -1.70 -7.25 1.02
C SER A 287 -2.37 -6.17 0.17
N GLN A 288 -2.28 -6.29 -1.14
CA GLN A 288 -2.98 -5.41 -2.05
C GLN A 288 -3.59 -6.23 -3.18
N SER A 289 -4.67 -5.73 -3.75
CA SER A 289 -5.41 -6.46 -4.78
C SER A 289 -5.63 -5.56 -5.98
N ALA A 290 -5.18 -6.00 -7.15
CA ALA A 290 -5.54 -5.37 -8.40
C ALA A 290 -7.03 -5.55 -8.65
N SER A 291 -7.73 -4.42 -8.82
CA SER A 291 -9.16 -4.43 -9.06
C SER A 291 -9.49 -4.16 -10.52
N LYS A 292 -8.54 -3.58 -11.25
CA LYS A 292 -8.78 -3.18 -12.64
C LYS A 292 -7.49 -2.92 -13.41
N LEU A 293 -7.49 -3.28 -14.69
CA LEU A 293 -6.42 -2.93 -15.61
C LEU A 293 -6.90 -1.90 -16.63
N ILE A 294 -6.18 -0.79 -16.74
CA ILE A 294 -6.47 0.23 -17.74
C ILE A 294 -5.33 0.24 -18.74
N PRO A 295 -5.53 -0.41 -19.91
CA PRO A 295 -4.45 -0.48 -20.90
C PRO A 295 -4.04 0.87 -21.43
N ALA A 296 -2.76 1.04 -21.75
CA ALA A 296 -2.23 2.31 -22.23
C ALA A 296 -2.97 2.79 -23.49
N ALA A 297 -3.08 4.10 -23.64
CA ALA A 297 -3.77 4.68 -24.78
C ALA A 297 -2.84 4.86 -25.98
N VAL A 298 -1.54 4.60 -25.79
CA VAL A 298 -0.58 4.65 -26.87
C VAL A 298 0.55 3.67 -26.67
N GLU A 299 1.24 3.39 -27.77
CA GLU A 299 2.37 2.50 -27.75
C GLU A 299 3.49 3.31 -27.14
N GLY A 300 4.17 2.74 -26.15
CA GLY A 300 5.19 3.46 -25.43
C GLY A 300 4.61 4.30 -24.31
N GLY A 301 3.34 4.06 -23.98
CA GLY A 301 2.68 4.74 -22.88
C GLY A 301 2.74 3.91 -21.60
N LEU A 302 1.76 4.06 -20.74
CA LEU A 302 1.73 3.36 -19.45
C LEU A 302 0.43 2.63 -19.19
N HIS A 303 0.54 1.36 -18.83
CA HIS A 303 -0.59 0.61 -18.30
C HIS A 303 -0.79 1.05 -16.85
N GLN A 304 -2.00 0.88 -16.34
CA GLN A 304 -2.31 1.26 -14.97
C GLN A 304 -3.04 0.15 -14.28
N ILE A 305 -2.73 -0.02 -12.99
CA ILE A 305 -3.40 -0.99 -12.14
C ILE A 305 -4.09 -0.24 -11.00
N GLU A 306 -5.40 -0.40 -10.89
CA GLU A 306 -6.14 0.14 -9.75
C GLU A 306 -6.21 -0.93 -8.67
N THR A 307 -6.11 -0.50 -7.42
CA THR A 307 -6.20 -1.43 -6.30
C THR A 307 -7.53 -1.26 -5.59
N ALA A 308 -7.99 -2.34 -4.96
CA ALA A 308 -9.18 -2.28 -4.12
C ALA A 308 -9.03 -1.22 -3.03
N SER A 309 -7.80 -0.89 -2.65
CA SER A 309 -7.56 0.10 -1.59
C SER A 309 -7.66 1.53 -2.09
N GLY A 310 -7.85 1.71 -3.40
CA GLY A 310 -8.03 3.03 -3.99
C GLY A 310 -6.81 3.60 -4.69
N ALA A 311 -5.66 2.94 -4.55
CA ALA A 311 -4.44 3.41 -5.19
C ALA A 311 -4.41 3.06 -6.68
N VAL A 312 -3.56 3.77 -7.43
CA VAL A 312 -3.29 3.42 -8.81
C VAL A 312 -1.80 3.36 -9.10
N LEU A 313 -1.35 2.18 -9.52
CA LEU A 313 0.02 1.95 -9.95
C LEU A 313 0.10 2.03 -11.47
N LYS A 314 1.26 2.41 -11.98
CA LYS A 314 1.47 2.50 -13.44
C LYS A 314 2.81 1.90 -13.86
N ALA A 315 2.84 1.35 -15.07
CA ALA A 315 4.00 0.60 -15.53
C ALA A 315 4.09 0.50 -17.06
N ARG A 316 5.32 0.50 -17.57
CA ARG A 316 5.59 0.30 -18.98
C ARG A 316 5.15 -1.09 -19.45
N SER A 317 5.19 -2.05 -18.53
CA SER A 317 4.76 -3.41 -18.84
C SER A 317 4.17 -4.06 -17.61
N ILE A 318 3.28 -5.02 -17.83
CA ILE A 318 2.57 -5.72 -16.78
C ILE A 318 2.74 -7.22 -16.98
N ILE A 319 2.87 -7.95 -15.87
CA ILE A 319 2.82 -9.41 -15.88
C ILE A 319 1.74 -9.86 -14.89
N VAL A 320 0.70 -10.50 -15.41
CA VAL A 320 -0.40 -10.98 -14.58
C VAL A 320 -0.09 -12.39 -14.16
N ALA A 321 0.06 -12.59 -12.85
CA ALA A 321 0.32 -13.92 -12.31
C ALA A 321 -0.53 -14.19 -11.08
N THR A 322 -1.84 -14.09 -11.25
CA THR A 322 -2.76 -14.07 -10.11
C THR A 322 -3.26 -15.43 -9.70
N GLY A 323 -2.82 -16.45 -10.45
CA GLY A 323 -3.13 -17.83 -10.11
C GLY A 323 -4.60 -18.19 -10.20
N ALA A 324 -5.01 -19.08 -9.31
CA ALA A 324 -6.36 -19.61 -9.34
C ALA A 324 -6.82 -20.08 -7.96
N LYS A 325 -8.13 -20.22 -7.81
CA LYS A 325 -8.69 -20.88 -6.65
C LYS A 325 -9.24 -22.22 -7.09
N TRP A 326 -8.95 -23.24 -6.29
CA TRP A 326 -9.33 -24.60 -6.60
C TRP A 326 -10.63 -24.89 -5.83
N ARG A 327 -11.70 -25.20 -6.55
CA ARG A 327 -13.04 -25.25 -5.97
C ARG A 327 -13.21 -26.32 -4.89
N ASN A 328 -13.88 -25.93 -3.80
CA ASN A 328 -14.11 -26.82 -2.66
C ASN A 328 -15.46 -27.51 -2.70
N MET A 329 -15.54 -28.65 -2.01
CA MET A 329 -16.80 -29.34 -1.77
C MET A 329 -17.75 -28.50 -0.91
N ASN A 330 -17.18 -27.60 -0.12
CA ASN A 330 -17.93 -26.83 0.86
C ASN A 330 -18.78 -27.73 1.77
N VAL A 331 -18.10 -28.49 2.62
CA VAL A 331 -18.77 -29.38 3.56
C VAL A 331 -17.98 -29.45 4.86
N PRO A 332 -18.67 -29.75 5.98
CA PRO A 332 -17.98 -29.97 7.25
C PRO A 332 -16.90 -31.05 7.13
N GLY A 333 -15.76 -30.81 7.76
CA GLY A 333 -14.66 -31.77 7.75
C GLY A 333 -13.61 -31.42 6.71
N GLU A 334 -14.01 -30.65 5.70
CA GLU A 334 -13.13 -30.35 4.57
C GLU A 334 -11.91 -29.55 5.00
N ASP A 335 -12.15 -28.38 5.59
CA ASP A 335 -11.07 -27.51 6.03
C ASP A 335 -10.16 -28.22 7.02
N GLN A 336 -10.76 -28.87 8.01
CA GLN A 336 -10.02 -29.56 9.06
C GLN A 336 -9.09 -30.69 8.59
N TYR A 337 -9.35 -31.26 7.42
CA TYR A 337 -8.57 -32.43 6.95
C TYR A 337 -7.79 -32.18 5.67
N ARG A 338 -7.70 -30.92 5.28
CA ARG A 338 -6.78 -30.52 4.23
C ARG A 338 -5.35 -30.89 4.61
N THR A 339 -4.53 -31.21 3.61
CA THR A 339 -3.14 -31.64 3.84
C THR A 339 -3.09 -32.93 4.64
N LYS A 340 -4.26 -33.52 4.87
CA LYS A 340 -4.38 -34.57 5.86
C LYS A 340 -5.41 -35.58 5.38
N GLY A 341 -5.51 -35.72 4.06
CA GLY A 341 -6.43 -36.64 3.42
C GLY A 341 -7.23 -35.94 2.33
N VAL A 342 -7.61 -34.68 2.58
CA VAL A 342 -8.29 -33.89 1.57
C VAL A 342 -7.23 -33.14 0.74
N THR A 343 -7.33 -33.29 -0.58
CA THR A 343 -6.33 -32.77 -1.49
C THR A 343 -7.01 -32.25 -2.76
N TYR A 344 -6.30 -31.43 -3.52
CA TYR A 344 -6.86 -30.83 -4.73
C TYR A 344 -5.98 -31.07 -5.94
N CYS A 345 -5.06 -32.00 -5.82
CA CYS A 345 -4.05 -32.23 -6.86
C CYS A 345 -3.63 -33.69 -6.96
N PRO A 346 -4.12 -34.41 -7.97
CA PRO A 346 -3.69 -35.78 -8.25
C PRO A 346 -2.21 -35.91 -8.61
N HIS A 347 -1.61 -34.89 -9.22
CA HIS A 347 -0.22 -34.96 -9.66
C HIS A 347 0.69 -34.85 -8.45
N CYS A 348 0.22 -34.12 -7.46
CA CYS A 348 1.02 -33.81 -6.28
C CYS A 348 1.01 -34.95 -5.26
N ASP A 349 -0.18 -35.44 -4.94
CA ASP A 349 -0.36 -36.29 -3.77
C ASP A 349 -0.75 -37.74 -4.10
N GLY A 350 -0.90 -38.02 -5.38
CA GLY A 350 -1.22 -39.36 -5.83
C GLY A 350 -0.30 -40.45 -5.29
N PRO A 351 1.02 -40.23 -5.37
CA PRO A 351 1.98 -41.23 -4.87
C PRO A 351 1.84 -41.56 -3.37
N LEU A 352 1.14 -40.74 -2.61
CA LEU A 352 1.04 -40.94 -1.16
C LEU A 352 0.01 -41.98 -0.74
N PHE A 353 -0.84 -42.41 -1.66
CA PHE A 353 -1.95 -43.30 -1.32
C PHE A 353 -1.84 -44.69 -1.94
N LYS A 354 -0.61 -45.18 -2.06
CA LYS A 354 -0.39 -46.56 -2.49
C LYS A 354 -1.03 -47.50 -1.48
N GLY A 355 -1.86 -48.41 -1.98
CA GLY A 355 -2.52 -49.39 -1.14
C GLY A 355 -3.76 -48.88 -0.43
N LYS A 356 -4.01 -47.58 -0.55
CA LYS A 356 -5.14 -46.94 0.09
C LYS A 356 -6.34 -46.82 -0.85
N ARG A 357 -7.52 -46.64 -0.26
CA ARG A 357 -8.74 -46.36 -1.01
C ARG A 357 -8.99 -44.85 -1.04
N VAL A 358 -9.38 -44.34 -2.19
CA VAL A 358 -9.62 -42.91 -2.33
C VAL A 358 -10.89 -42.61 -3.10
N ALA A 359 -11.33 -41.36 -3.01
CA ALA A 359 -12.42 -40.88 -3.82
C ALA A 359 -11.93 -39.71 -4.67
N VAL A 360 -12.51 -39.58 -5.85
CA VAL A 360 -12.35 -38.37 -6.66
C VAL A 360 -13.70 -37.69 -6.73
N ILE A 361 -13.71 -36.38 -6.51
CA ILE A 361 -14.93 -35.61 -6.61
C ILE A 361 -14.90 -34.77 -7.87
N GLY A 362 -15.82 -35.06 -8.78
CA GLY A 362 -15.88 -34.39 -10.07
C GLY A 362 -15.82 -35.40 -11.20
N GLY A 363 -16.73 -35.27 -12.16
CA GLY A 363 -16.77 -36.18 -13.29
C GLY A 363 -16.45 -35.51 -14.62
N GLY A 364 -15.71 -34.41 -14.57
CA GLY A 364 -15.21 -33.78 -15.78
C GLY A 364 -13.91 -34.44 -16.20
N ASN A 365 -13.25 -33.90 -17.21
CA ASN A 365 -11.99 -34.48 -17.70
C ASN A 365 -10.96 -34.56 -16.59
N SER A 366 -10.87 -33.51 -15.77
CA SER A 366 -9.93 -33.49 -14.65
C SER A 366 -10.18 -34.65 -13.70
N GLY A 367 -11.44 -34.80 -13.29
CA GLY A 367 -11.81 -35.85 -12.36
C GLY A 367 -11.59 -37.23 -12.93
N VAL A 368 -12.12 -37.46 -14.12
CA VAL A 368 -12.03 -38.79 -14.72
C VAL A 368 -10.58 -39.18 -15.00
N GLU A 369 -9.79 -38.27 -15.57
CA GLU A 369 -8.34 -38.53 -15.74
C GLU A 369 -7.71 -38.87 -14.40
N ALA A 370 -8.04 -38.07 -13.38
CA ALA A 370 -7.48 -38.28 -12.05
C ALA A 370 -7.77 -39.69 -11.56
N ALA A 371 -9.02 -40.12 -11.71
CA ALA A 371 -9.42 -41.45 -11.28
C ALA A 371 -8.64 -42.52 -12.04
N ILE A 372 -8.48 -42.33 -13.35
CA ILE A 372 -7.73 -43.29 -14.15
C ILE A 372 -6.28 -43.37 -13.69
N ASP A 373 -5.68 -42.21 -13.44
CA ASP A 373 -4.32 -42.12 -12.92
C ASP A 373 -4.20 -42.86 -11.60
N LEU A 374 -4.94 -42.39 -10.60
CA LEU A 374 -4.90 -42.97 -9.27
C LEU A 374 -5.19 -44.46 -9.29
N ALA A 375 -6.06 -44.89 -10.20
CA ALA A 375 -6.45 -46.30 -10.28
C ALA A 375 -5.26 -47.24 -10.51
N GLY A 376 -4.16 -46.70 -11.02
CA GLY A 376 -2.97 -47.49 -11.28
C GLY A 376 -2.02 -47.55 -10.11
N ILE A 377 -2.26 -46.70 -9.12
CA ILE A 377 -1.36 -46.50 -7.98
C ILE A 377 -1.98 -47.03 -6.70
N VAL A 378 -3.28 -46.80 -6.53
CA VAL A 378 -3.96 -47.06 -5.28
C VAL A 378 -4.75 -48.35 -5.35
N GLU A 379 -5.25 -48.82 -4.21
CA GLU A 379 -6.06 -50.03 -4.18
C GLU A 379 -7.36 -49.83 -4.95
N HIS A 380 -8.09 -48.78 -4.58
CA HIS A 380 -9.44 -48.59 -5.10
C HIS A 380 -9.77 -47.11 -5.27
N VAL A 381 -10.56 -46.79 -6.29
CA VAL A 381 -11.03 -45.43 -6.52
C VAL A 381 -12.54 -45.39 -6.65
N THR A 382 -13.15 -44.37 -6.05
CA THR A 382 -14.58 -44.12 -6.25
C THR A 382 -14.73 -42.70 -6.77
N LEU A 383 -15.39 -42.57 -7.91
CA LEU A 383 -15.67 -41.26 -8.48
C LEU A 383 -17.13 -40.85 -8.20
N LEU A 384 -17.29 -39.70 -7.57
CA LEU A 384 -18.61 -39.15 -7.30
C LEU A 384 -18.91 -38.02 -8.26
N GLU A 385 -20.00 -38.20 -9.01
CA GLU A 385 -20.49 -37.19 -9.93
C GLU A 385 -21.84 -36.65 -9.43
N PHE A 386 -21.89 -35.33 -9.29
CA PHE A 386 -23.07 -34.58 -8.87
C PHE A 386 -24.24 -34.78 -9.82
N ALA A 387 -23.96 -34.73 -11.11
CA ALA A 387 -24.99 -34.80 -12.14
C ALA A 387 -25.42 -36.25 -12.42
N PRO A 388 -26.44 -36.43 -13.28
CA PRO A 388 -26.86 -37.77 -13.69
C PRO A 388 -25.89 -38.42 -14.67
N GLU A 389 -24.97 -37.62 -15.20
CA GLU A 389 -23.98 -38.12 -16.16
C GLU A 389 -22.66 -37.39 -15.98
N MET A 390 -21.57 -38.02 -16.37
CA MET A 390 -20.26 -37.38 -16.37
C MET A 390 -20.10 -36.48 -17.59
N LYS A 391 -19.48 -35.32 -17.39
CA LYS A 391 -19.26 -34.38 -18.48
C LYS A 391 -18.04 -34.75 -19.32
N ALA A 392 -17.15 -35.59 -18.77
CA ALA A 392 -15.87 -35.93 -19.42
C ALA A 392 -16.04 -36.48 -20.82
N ASP A 393 -14.96 -36.44 -21.60
CA ASP A 393 -14.93 -37.03 -22.94
C ASP A 393 -15.27 -38.51 -22.88
N GLN A 394 -15.88 -39.01 -23.95
CA GLN A 394 -16.36 -40.38 -23.97
C GLN A 394 -15.21 -41.38 -23.86
N VAL A 395 -14.08 -41.09 -24.51
CA VAL A 395 -12.95 -42.00 -24.46
C VAL A 395 -12.51 -42.24 -23.02
N LEU A 396 -12.45 -41.16 -22.24
CA LEU A 396 -12.04 -41.25 -20.84
C LEU A 396 -13.09 -41.97 -19.99
N GLN A 397 -14.36 -41.71 -20.28
CA GLN A 397 -15.43 -42.36 -19.54
C GLN A 397 -15.36 -43.86 -19.73
N ASP A 398 -15.14 -44.28 -20.97
CA ASP A 398 -15.04 -45.70 -21.29
C ASP A 398 -13.83 -46.34 -20.62
N LYS A 399 -12.70 -45.64 -20.64
CA LYS A 399 -11.48 -46.12 -20.02
C LYS A 399 -11.66 -46.35 -18.52
N LEU A 400 -12.38 -45.45 -17.86
CA LEU A 400 -12.55 -45.54 -16.42
C LEU A 400 -13.49 -46.69 -16.04
N ARG A 401 -14.46 -46.96 -16.91
CA ARG A 401 -15.44 -48.00 -16.63
C ARG A 401 -14.86 -49.38 -16.88
N SER A 402 -13.75 -49.42 -17.61
CA SER A 402 -13.08 -50.69 -17.92
C SER A 402 -12.02 -51.05 -16.90
N LEU A 403 -12.00 -50.37 -15.76
CA LEU A 403 -11.02 -50.65 -14.70
C LEU A 403 -11.66 -51.45 -13.56
N LYS A 404 -10.93 -52.39 -13.00
CA LYS A 404 -11.50 -53.34 -12.07
C LYS A 404 -11.55 -52.83 -10.63
N ASN A 405 -10.79 -51.79 -10.33
CA ASN A 405 -10.78 -51.23 -8.98
C ASN A 405 -11.41 -49.83 -8.90
N VAL A 406 -12.56 -49.67 -9.55
CA VAL A 406 -13.19 -48.37 -9.69
C VAL A 406 -14.72 -48.45 -9.59
N ASP A 407 -15.29 -47.58 -8.76
CA ASP A 407 -16.74 -47.41 -8.68
C ASP A 407 -17.12 -46.01 -9.15
N ILE A 408 -18.11 -45.93 -10.04
CA ILE A 408 -18.68 -44.65 -10.41
C ILE A 408 -20.02 -44.48 -9.73
N ILE A 409 -20.20 -43.34 -9.06
CA ILE A 409 -21.46 -43.01 -8.43
C ILE A 409 -21.96 -41.68 -9.00
N LEU A 410 -23.14 -41.72 -9.61
CA LEU A 410 -23.77 -40.53 -10.18
C LEU A 410 -24.81 -39.97 -9.20
N ASN A 411 -25.30 -38.77 -9.50
CA ASN A 411 -26.27 -38.09 -8.63
C ASN A 411 -25.81 -38.05 -7.17
N ALA A 412 -24.52 -37.81 -6.99
CA ALA A 412 -23.90 -37.91 -5.67
C ALA A 412 -23.35 -36.58 -5.25
N GLN A 413 -23.73 -36.16 -4.05
CA GLN A 413 -23.28 -34.91 -3.48
C GLN A 413 -22.68 -35.15 -2.11
N THR A 414 -21.43 -34.72 -1.95
CA THR A 414 -20.74 -34.87 -0.70
C THR A 414 -21.38 -34.00 0.38
N THR A 415 -21.56 -34.56 1.58
CA THR A 415 -22.14 -33.83 2.68
C THR A 415 -21.17 -33.72 3.87
N GLU A 416 -20.25 -34.68 4.01
CA GLU A 416 -19.32 -34.65 5.13
C GLU A 416 -18.01 -35.38 4.85
N VAL A 417 -16.91 -34.79 5.29
CA VAL A 417 -15.61 -35.48 5.34
C VAL A 417 -15.38 -35.98 6.75
N LYS A 418 -15.09 -37.28 6.88
CA LYS A 418 -14.91 -37.90 8.20
C LYS A 418 -13.46 -38.26 8.49
N GLY A 419 -13.00 -37.93 9.69
CA GLY A 419 -11.68 -38.35 10.13
C GLY A 419 -11.70 -38.97 11.50
N ASP A 420 -10.49 -39.16 12.04
CA ASP A 420 -10.30 -39.78 13.35
C ASP A 420 -9.68 -38.79 14.35
N GLY A 421 -9.67 -37.52 13.97
CA GLY A 421 -9.05 -36.48 14.77
C GLY A 421 -7.81 -35.90 14.10
N SER A 422 -7.15 -36.71 13.26
CA SER A 422 -5.96 -36.23 12.57
C SER A 422 -5.94 -36.62 11.10
N LYS A 423 -6.78 -37.55 10.68
CA LYS A 423 -6.71 -38.02 9.31
C LYS A 423 -8.05 -38.58 8.83
N VAL A 424 -8.27 -38.46 7.53
CA VAL A 424 -9.49 -38.93 6.88
C VAL A 424 -9.69 -40.42 7.06
N VAL A 425 -10.94 -40.83 7.31
CA VAL A 425 -11.28 -42.24 7.43
C VAL A 425 -12.45 -42.57 6.52
N GLY A 426 -13.16 -41.55 6.07
CA GLY A 426 -14.29 -41.79 5.19
C GLY A 426 -15.01 -40.56 4.71
N LEU A 427 -16.14 -40.81 4.05
CA LEU A 427 -16.87 -39.77 3.36
C LEU A 427 -18.36 -40.02 3.46
N GLU A 428 -19.12 -38.93 3.54
CA GLU A 428 -20.56 -39.00 3.56
C GLU A 428 -21.11 -38.26 2.35
N TYR A 429 -22.02 -38.88 1.61
CA TYR A 429 -22.68 -38.23 0.50
C TYR A 429 -24.19 -38.51 0.44
N ARG A 430 -24.89 -37.65 -0.30
CA ARG A 430 -26.33 -37.75 -0.48
C ARG A 430 -26.62 -38.16 -1.91
N ASP A 431 -27.57 -39.09 -2.09
CA ASP A 431 -28.13 -39.34 -3.41
C ASP A 431 -29.13 -38.21 -3.68
N ARG A 432 -28.89 -37.43 -4.74
CA ARG A 432 -29.69 -36.23 -4.98
C ARG A 432 -31.12 -36.59 -5.33
N VAL A 433 -31.33 -37.82 -5.77
CA VAL A 433 -32.64 -38.28 -6.25
C VAL A 433 -33.51 -38.85 -5.12
N SER A 434 -32.98 -39.83 -4.41
CA SER A 434 -33.71 -40.49 -3.34
C SER A 434 -33.62 -39.73 -2.02
N GLY A 435 -32.58 -38.91 -1.88
CA GLY A 435 -32.32 -38.17 -0.66
C GLY A 435 -31.52 -38.96 0.36
N ASP A 436 -31.34 -40.25 0.13
CA ASP A 436 -30.63 -41.13 1.05
C ASP A 436 -29.18 -40.69 1.27
N ILE A 437 -28.68 -41.02 2.46
CA ILE A 437 -27.29 -40.76 2.82
C ILE A 437 -26.52 -42.06 2.77
N HIS A 438 -25.27 -41.99 2.34
CA HIS A 438 -24.41 -43.16 2.30
C HIS A 438 -23.01 -42.79 2.76
N ASN A 439 -22.29 -43.78 3.29
CA ASN A 439 -20.93 -43.58 3.76
C ASN A 439 -19.97 -44.45 2.98
N ILE A 440 -18.78 -43.90 2.74
CA ILE A 440 -17.70 -44.62 2.08
C ILE A 440 -16.46 -44.56 2.97
N GLU A 441 -15.82 -45.71 3.21
CA GLU A 441 -14.55 -45.76 3.91
C GLU A 441 -13.40 -45.47 2.94
N LEU A 442 -12.51 -44.56 3.32
CA LEU A 442 -11.40 -44.18 2.44
C LEU A 442 -10.34 -43.36 3.18
N ALA A 443 -9.19 -43.20 2.55
CA ALA A 443 -8.05 -42.52 3.18
C ALA A 443 -7.78 -41.16 2.54
N GLY A 444 -8.20 -41.01 1.29
CA GLY A 444 -7.93 -39.81 0.52
C GLY A 444 -9.15 -39.33 -0.24
N ILE A 445 -9.30 -38.02 -0.34
CA ILE A 445 -10.35 -37.43 -1.13
C ILE A 445 -9.73 -36.39 -2.05
N PHE A 446 -9.73 -36.70 -3.34
CA PHE A 446 -9.19 -35.79 -4.35
C PHE A 446 -10.32 -34.97 -4.96
N VAL A 447 -10.36 -33.69 -4.60
CA VAL A 447 -11.41 -32.80 -5.07
C VAL A 447 -11.04 -32.22 -6.42
N GLN A 448 -11.74 -32.67 -7.45
CA GLN A 448 -11.51 -32.26 -8.82
C GLN A 448 -12.78 -31.64 -9.40
N ILE A 449 -13.28 -30.58 -8.78
CA ILE A 449 -14.53 -29.96 -9.21
C ILE A 449 -14.29 -28.93 -10.31
N GLY A 450 -13.27 -28.11 -10.13
CA GLY A 450 -12.91 -27.12 -11.13
C GLY A 450 -11.92 -26.08 -10.65
N LEU A 451 -11.32 -25.37 -11.59
CA LEU A 451 -10.45 -24.24 -11.31
C LEU A 451 -11.12 -22.91 -11.63
N LEU A 452 -10.92 -21.94 -10.74
CA LEU A 452 -11.39 -20.59 -10.95
C LEU A 452 -10.21 -19.63 -11.02
N PRO A 453 -9.71 -19.36 -12.24
CA PRO A 453 -8.62 -18.39 -12.37
C PRO A 453 -9.04 -17.03 -11.83
N ASN A 454 -8.13 -16.40 -11.08
CA ASN A 454 -8.41 -15.10 -10.47
C ASN A 454 -8.23 -14.02 -11.50
N THR A 455 -9.19 -13.93 -12.39
CA THR A 455 -9.03 -13.10 -13.58
C THR A 455 -10.29 -12.33 -13.96
N ASN A 456 -11.36 -12.47 -13.18
CA ASN A 456 -12.61 -11.77 -13.50
C ASN A 456 -12.43 -10.26 -13.48
N TRP A 457 -11.47 -9.78 -12.71
CA TRP A 457 -11.17 -8.36 -12.65
C TRP A 457 -10.54 -7.82 -13.93
N LEU A 458 -10.28 -8.70 -14.89
CA LEU A 458 -9.69 -8.32 -16.16
C LEU A 458 -10.69 -8.35 -17.32
N GLU A 459 -11.94 -8.71 -17.04
CA GLU A 459 -12.97 -8.75 -18.07
C GLU A 459 -13.01 -7.43 -18.84
N GLY A 460 -12.98 -7.54 -20.17
CA GLY A 460 -12.96 -6.39 -21.03
C GLY A 460 -11.54 -5.98 -21.42
N ALA A 461 -10.60 -6.17 -20.50
CA ALA A 461 -9.24 -5.67 -20.71
C ALA A 461 -8.40 -6.62 -21.57
N VAL A 462 -8.22 -7.86 -21.08
CA VAL A 462 -7.48 -8.89 -21.82
C VAL A 462 -8.38 -10.08 -22.13
N GLU A 463 -8.16 -10.70 -23.29
CA GLU A 463 -8.96 -11.82 -23.76
C GLU A 463 -8.72 -13.08 -22.94
N ARG A 464 -9.81 -13.72 -22.53
CA ARG A 464 -9.76 -14.97 -21.78
C ARG A 464 -10.48 -16.07 -22.54
N ASN A 465 -10.11 -17.32 -22.27
CA ASN A 465 -10.79 -18.45 -22.90
C ASN A 465 -12.10 -18.73 -22.16
N ARG A 466 -12.77 -19.83 -22.51
CA ARG A 466 -14.11 -20.06 -21.95
C ARG A 466 -14.06 -20.56 -20.50
N MET A 467 -12.85 -20.76 -19.98
CA MET A 467 -12.65 -21.18 -18.59
C MET A 467 -12.12 -20.05 -17.69
N GLY A 468 -12.06 -18.83 -18.20
CA GLY A 468 -11.50 -17.71 -17.47
C GLY A 468 -9.97 -17.63 -17.50
N GLU A 469 -9.34 -18.55 -18.22
CA GLU A 469 -7.90 -18.53 -18.34
C GLU A 469 -7.45 -17.42 -19.29
N ILE A 470 -6.43 -16.67 -18.88
CA ILE A 470 -5.84 -15.67 -19.77
C ILE A 470 -5.13 -16.35 -20.93
N ILE A 471 -5.56 -16.00 -22.13
CA ILE A 471 -4.99 -16.55 -23.35
C ILE A 471 -3.60 -15.97 -23.60
N ILE A 472 -2.63 -16.85 -23.81
CA ILE A 472 -1.25 -16.45 -24.08
C ILE A 472 -0.60 -17.30 -25.17
N ASP A 473 0.40 -16.72 -25.84
CA ASP A 473 1.21 -17.47 -26.79
C ASP A 473 2.46 -17.99 -26.10
N ALA A 474 3.31 -18.71 -26.84
CA ALA A 474 4.49 -19.32 -26.23
C ALA A 474 5.38 -18.29 -25.54
N LYS A 475 5.25 -17.02 -25.90
CA LYS A 475 6.00 -15.94 -25.25
C LYS A 475 5.27 -15.30 -24.06
N CYS A 476 4.11 -15.85 -23.69
CA CYS A 476 3.28 -15.32 -22.60
C CYS A 476 2.67 -13.94 -22.92
N GLU A 477 2.53 -13.64 -24.20
CA GLU A 477 1.88 -12.40 -24.63
C GLU A 477 0.36 -12.53 -24.60
N THR A 478 -0.32 -11.49 -24.12
CA THR A 478 -1.78 -11.42 -24.24
C THR A 478 -2.14 -10.63 -25.50
N ASN A 479 -3.42 -10.41 -25.70
CA ASN A 479 -3.90 -9.63 -26.84
C ASN A 479 -3.65 -8.14 -26.68
N VAL A 480 -3.15 -7.73 -25.52
CA VAL A 480 -2.81 -6.34 -25.27
C VAL A 480 -1.28 -6.17 -25.30
N LYS A 481 -0.79 -5.33 -26.21
CA LYS A 481 0.64 -5.10 -26.30
C LYS A 481 1.21 -4.63 -24.96
N GLY A 482 2.26 -5.31 -24.50
CA GLY A 482 2.93 -4.94 -23.27
C GLY A 482 2.29 -5.48 -22.00
N VAL A 483 1.27 -6.32 -22.17
CA VAL A 483 0.69 -7.05 -21.06
C VAL A 483 1.00 -8.52 -21.25
N PHE A 484 1.61 -9.12 -20.22
CA PHE A 484 1.93 -10.54 -20.23
C PHE A 484 1.25 -11.26 -19.05
N ALA A 485 1.23 -12.60 -19.10
CA ALA A 485 0.64 -13.38 -18.02
C ALA A 485 1.36 -14.70 -17.84
N ALA A 486 1.39 -15.19 -16.60
CA ALA A 486 2.13 -16.41 -16.30
C ALA A 486 1.53 -17.21 -15.14
N GLY A 487 1.54 -18.52 -15.31
CA GLY A 487 1.07 -19.43 -14.26
C GLY A 487 -0.38 -19.87 -14.41
N ASP A 488 -0.94 -20.35 -13.31
CA ASP A 488 -2.26 -20.96 -13.30
C ASP A 488 -3.39 -20.09 -13.87
N CYS A 489 -3.26 -18.77 -13.78
CA CYS A 489 -4.30 -17.88 -14.29
C CYS A 489 -4.34 -17.90 -15.83
N THR A 490 -3.29 -18.41 -16.48
CA THR A 490 -3.23 -18.47 -17.94
C THR A 490 -3.70 -19.81 -18.52
N THR A 491 -3.63 -19.91 -19.84
CA THR A 491 -4.02 -21.11 -20.56
C THR A 491 -2.99 -22.25 -20.50
N VAL A 492 -1.97 -22.14 -19.65
CA VAL A 492 -1.04 -23.27 -19.49
C VAL A 492 -1.82 -24.55 -19.20
N PRO A 493 -1.56 -25.61 -19.98
CA PRO A 493 -2.37 -26.83 -19.85
C PRO A 493 -2.31 -27.52 -18.48
N TYR A 494 -1.29 -27.21 -17.68
CA TYR A 494 -1.09 -27.90 -16.41
C TYR A 494 -0.71 -26.89 -15.34
N LYS A 495 -1.11 -27.18 -14.11
CA LYS A 495 -0.96 -26.24 -13.00
C LYS A 495 -0.08 -26.83 -11.92
N GLN A 496 1.17 -26.39 -11.88
CA GLN A 496 2.18 -26.94 -10.98
C GLN A 496 3.19 -25.85 -10.66
N ILE A 497 3.94 -26.04 -9.58
CA ILE A 497 4.87 -25.03 -9.11
C ILE A 497 6.01 -24.85 -10.10
N ILE A 498 6.65 -25.96 -10.47
CA ILE A 498 7.80 -25.89 -11.35
C ILE A 498 7.39 -25.37 -12.73
N ILE A 499 6.17 -25.70 -13.14
CA ILE A 499 5.62 -25.17 -14.38
C ILE A 499 5.38 -23.66 -14.26
N ALA A 500 4.71 -23.27 -13.18
CA ALA A 500 4.43 -21.85 -12.96
C ALA A 500 5.70 -21.00 -12.93
N THR A 501 6.76 -21.49 -12.29
CA THR A 501 7.98 -20.69 -12.15
C THR A 501 8.65 -20.49 -13.50
N GLY A 502 8.65 -21.53 -14.33
CA GLY A 502 9.21 -21.43 -15.67
C GLY A 502 8.49 -20.39 -16.51
N GLU A 503 7.15 -20.37 -16.42
CA GLU A 503 6.35 -19.41 -17.15
C GLU A 503 6.64 -18.00 -16.66
N GLY A 504 6.74 -17.83 -15.36
CA GLY A 504 7.09 -16.56 -14.76
C GLY A 504 8.39 -16.03 -15.35
N ALA A 505 9.35 -16.93 -15.52
CA ALA A 505 10.64 -16.58 -16.09
C ALA A 505 10.48 -16.18 -17.54
N LYS A 506 9.66 -16.95 -18.25
CA LYS A 506 9.38 -16.70 -19.66
C LYS A 506 8.76 -15.31 -19.87
N ALA A 507 7.77 -15.00 -19.05
CA ALA A 507 7.03 -13.75 -19.16
C ALA A 507 7.94 -12.56 -18.88
N SER A 508 8.87 -12.74 -17.95
CA SER A 508 9.82 -11.69 -17.59
C SER A 508 10.73 -11.33 -18.79
N LEU A 509 11.31 -12.35 -19.41
CA LEU A 509 12.16 -12.14 -20.58
C LEU A 509 11.38 -11.59 -21.78
N SER A 510 10.12 -11.99 -21.92
CA SER A 510 9.27 -11.44 -22.97
C SER A 510 8.93 -9.97 -22.71
N ALA A 511 8.69 -9.64 -21.45
CA ALA A 511 8.49 -8.25 -21.06
C ALA A 511 9.74 -7.41 -21.32
N PHE A 512 10.90 -7.99 -21.07
CA PHE A 512 12.14 -7.26 -21.26
C PHE A 512 12.38 -6.96 -22.74
N ASP A 513 12.19 -7.97 -23.59
CA ASP A 513 12.26 -7.78 -25.02
C ASP A 513 11.28 -6.70 -25.49
N TYR A 514 10.09 -6.70 -24.92
CA TYR A 514 9.13 -5.66 -25.25
C TYR A 514 9.66 -4.26 -24.90
N LEU A 515 10.33 -4.12 -23.76
CA LEU A 515 10.85 -2.82 -23.36
C LEU A 515 11.95 -2.35 -24.30
N ILE A 516 12.87 -3.24 -24.64
CA ILE A 516 13.96 -2.90 -25.53
C ILE A 516 13.43 -2.31 -26.83
N ARG A 517 12.34 -2.89 -27.32
CA ARG A 517 11.79 -2.51 -28.61
C ARG A 517 10.82 -1.33 -28.59
N THR A 518 10.57 -0.77 -27.39
CA THR A 518 9.59 0.32 -27.26
C THR A 518 10.17 1.60 -26.65
N LYS A 519 11.41 1.54 -26.19
CA LYS A 519 12.02 2.70 -25.55
C LYS A 519 12.54 3.72 -26.56
N THR A 520 13.35 3.29 -27.52
CA THR A 520 13.81 4.22 -28.57
C THR A 520 12.64 4.59 -29.48
N ALA A 521 11.79 3.60 -29.75
CA ALA A 521 10.62 3.80 -30.60
C ALA A 521 9.77 2.53 -30.59
S SO4 B . -11.31 -12.62 -9.54
O1 SO4 B . -11.58 -11.34 -10.18
O2 SO4 B . -12.09 -12.72 -8.32
O3 SO4 B . -9.89 -12.68 -9.17
O4 SO4 B . -11.65 -13.70 -10.45
S SO4 C . -18.52 -27.97 -23.92
O1 SO4 C . -17.27 -27.42 -24.43
O2 SO4 C . -19.59 -26.99 -24.09
O3 SO4 C . -18.40 -28.26 -22.49
O4 SO4 C . -18.86 -29.19 -24.64
S SO4 D . 2.97 -19.44 -30.38
O1 SO4 D . 3.75 -18.53 -29.53
O2 SO4 D . 2.10 -18.64 -31.25
O3 SO4 D . 3.90 -20.24 -31.16
O4 SO4 D . 2.14 -20.31 -29.54
PA FAD E . -0.76 -18.84 -7.19
O1A FAD E . -2.18 -19.14 -6.96
O2A FAD E . 0.13 -19.81 -6.42
O5B FAD E . -0.32 -17.35 -6.76
C5B FAD E . -1.09 -16.23 -7.26
C4B FAD E . -1.05 -15.16 -6.20
O4B FAD E . -1.70 -13.97 -6.67
C3B FAD E . -1.73 -15.54 -4.88
O3B FAD E . -0.94 -15.14 -3.77
C2B FAD E . -3.04 -14.76 -4.93
O2B FAD E . -3.53 -14.44 -3.63
C1B FAD E . -2.58 -13.52 -5.67
N9A FAD E . -3.66 -12.76 -6.30
C8A FAD E . -4.84 -13.26 -6.81
N7A FAD E . -5.63 -12.34 -7.32
C5A FAD E . -4.93 -11.15 -7.12
C6A FAD E . -5.22 -9.82 -7.43
N6A FAD E . -6.36 -9.42 -8.03
N1A FAD E . -4.32 -8.88 -7.10
C2A FAD E . -3.18 -9.26 -6.50
N3A FAD E . -2.79 -10.50 -6.17
C4A FAD E . -3.72 -11.40 -6.51
N1 FAD E . 1.95 -27.94 -7.26
C2 FAD E . 3.08 -28.71 -7.33
O2 FAD E . 3.83 -28.67 -8.30
N3 FAD E . 3.40 -29.56 -6.27
C4 FAD E . 2.66 -29.71 -5.11
O4 FAD E . 3.04 -30.49 -4.24
C4X FAD E . 1.48 -28.88 -5.04
N5 FAD E . 0.73 -28.94 -3.99
C5X FAD E . -0.40 -28.14 -3.94
C6 FAD E . -1.20 -28.17 -2.80
C7 FAD E . -2.34 -27.37 -2.70
C7M FAD E . -3.18 -27.43 -1.45
C8 FAD E . -2.69 -26.52 -3.76
C8M FAD E . -3.91 -25.66 -3.70
C9 FAD E . -1.88 -26.48 -4.89
C9A FAD E . -0.75 -27.28 -4.99
N10 FAD E . 0.09 -27.24 -6.12
C10 FAD E . 1.20 -28.03 -6.18
C1' FAD E . -0.20 -26.29 -7.20
C2' FAD E . 0.69 -25.05 -7.13
O2' FAD E . 0.67 -24.51 -5.80
C3' FAD E . 0.21 -23.99 -8.11
O3' FAD E . 0.21 -24.55 -9.41
C4' FAD E . 1.11 -22.75 -8.10
O4' FAD E . 1.18 -22.23 -6.76
C5' FAD E . 0.62 -21.68 -9.05
O5' FAD E . 1.55 -20.58 -9.00
P FAD E . 0.95 -19.19 -9.52
O1P FAD E . 0.70 -19.17 -10.98
O2P FAD E . 1.93 -18.08 -9.13
O3P FAD E . -0.42 -18.97 -8.74
S SO4 F . -24.33 -47.10 3.63
O1 SO4 F . -23.34 -46.11 4.06
O2 SO4 F . -25.66 -46.54 3.81
O3 SO4 F . -24.17 -48.30 4.41
O4 SO4 F . -24.13 -47.42 2.22
S SO4 G . -12.78 -29.99 -15.63
O1 SO4 G . -14.04 -29.28 -15.47
O2 SO4 G . -11.76 -29.34 -14.80
O3 SO4 G . -12.95 -31.37 -15.18
O4 SO4 G . -12.34 -30.00 -17.02
S SO4 H . -13.17 -54.00 -3.59
O1 SO4 H . -12.05 -53.15 -3.22
O2 SO4 H . -14.42 -53.39 -3.15
O3 SO4 H . -13.19 -54.17 -5.03
O4 SO4 H . -13.01 -55.31 -2.94
S SO4 I . -17.01 -36.97 -26.73
O1 SO4 I . -17.57 -35.64 -26.95
O2 SO4 I . -17.26 -37.38 -25.34
O3 SO4 I . -17.64 -37.93 -27.62
O4 SO4 I . -15.57 -36.92 -26.97
S SO4 J . -8.80 -28.61 -9.57
O1 SO4 J . -7.56 -28.53 -10.34
O2 SO4 J . -8.99 -27.37 -8.81
O3 SO4 J . -8.71 -29.70 -8.60
O4 SO4 J . -9.94 -28.84 -10.46
CD CD K . 24.69 35.14 19.53
#